data_1U6A
#
_entry.id   1U6A
#
_cell.length_a   120.403
_cell.length_b   120.403
_cell.length_c   72.977
_cell.angle_alpha   90.00
_cell.angle_beta   90.00
_cell.angle_gamma   90.00
#
_symmetry.space_group_name_H-M   'P 43 21 2'
#
loop_
_entity.id
_entity.type
_entity.pdbx_description
1 polymer 'F105 LIGHT CHAIN'
2 polymer 'F105 HEAVY CHAIN'
3 water water
#
loop_
_entity_poly.entity_id
_entity_poly.type
_entity_poly.pdbx_seq_one_letter_code
_entity_poly.pdbx_strand_id
1 'polypeptide(L)'
;EIVLTQSPGTLSLSAGERATLSCRASQSVSSRYLAWYQQKPGQAPRLLIYGASSRATGIPDRFSGSGSGTDFTLTISRVE
PEDFAVYYCQQYDNSVCTFGQGTKLEIKRTVAAPSVFIFPPSDEQLKSGTASVVCLLNNFYPREAKVQWKVDNALQSGNS
QESVTEQDSKDSTYSLSSTLTLSKADYEKHKVYACEVTHQGLSSPVTKSFNRGEC
;
L
2 'polypeptide(L)'
;QVQLQESGPGLVKPSETLSLTCTVSGGSISSHYWSWIRQSPGKGLQWIGYIYYSGSTNYSPSLKSRVTISVETAKNQFSL
KLTSMTAADTAVYYCARGPVPAVFYGDYRLDPWGQGTLVTVSSASTKGPSVFPLAPSSKSTSGGTAALGCLVKDYFPEPV
TVSWNSGALTSGVHTFPAVLQSSGLYSLSSVVTVPSSSLGTQTYICNVNHKPSNTKVDKKVEPK
;
H
#
# COMPACT_ATOMS: atom_id res chain seq x y z
N GLU A 1 -22.31 23.47 5.04
CA GLU A 1 -22.37 22.12 4.43
C GLU A 1 -22.61 21.02 5.48
N ILE A 2 -22.11 19.83 5.18
CA ILE A 2 -22.26 18.66 6.05
C ILE A 2 -20.95 17.87 6.19
N VAL A 3 -20.68 17.43 7.42
CA VAL A 3 -19.46 16.69 7.72
C VAL A 3 -19.67 15.35 8.41
N LEU A 4 -18.93 14.34 7.98
CA LEU A 4 -19.03 13.01 8.57
C LEU A 4 -17.90 12.81 9.57
N THR A 5 -18.23 12.24 10.73
CA THR A 5 -17.26 12.01 11.76
C THR A 5 -17.28 10.56 12.23
N GLN A 6 -16.22 9.83 11.90
CA GLN A 6 -16.11 8.42 12.27
C GLN A 6 -15.45 8.23 13.61
N SER A 7 -15.75 7.09 14.23
CA SER A 7 -15.21 6.72 15.53
C SER A 7 -15.43 5.22 15.75
N PRO A 8 -14.46 4.56 16.40
CA PRO A 8 -13.22 5.13 16.92
C PRO A 8 -12.21 5.37 15.81
N GLY A 9 -11.14 6.09 16.12
CA GLY A 9 -10.13 6.34 15.11
C GLY A 9 -9.50 5.00 14.77
N THR A 10 -9.26 4.22 15.81
CA THR A 10 -8.69 2.89 15.65
C THR A 10 -9.52 1.92 16.47
N LEU A 11 -9.58 0.67 16.03
CA LEU A 11 -10.34 -0.36 16.70
C LEU A 11 -9.51 -1.63 16.69
N SER A 12 -9.28 -2.21 17.87
CA SER A 12 -8.49 -3.44 17.96
C SER A 12 -9.35 -4.61 18.41
N LEU A 13 -9.48 -5.61 17.55
CA LEU A 13 -10.28 -6.78 17.88
C LEU A 13 -9.57 -8.07 17.52
N SER A 14 -9.99 -9.16 18.14
CA SER A 14 -9.41 -10.46 17.85
C SER A 14 -10.39 -11.13 16.90
N ALA A 15 -9.96 -12.18 16.22
CA ALA A 15 -10.88 -12.86 15.31
C ALA A 15 -12.10 -13.31 16.14
N GLY A 16 -13.27 -13.28 15.52
CA GLY A 16 -14.48 -13.69 16.22
C GLY A 16 -15.27 -12.56 16.87
N GLU A 17 -14.58 -11.61 17.50
CA GLU A 17 -15.25 -10.48 18.15
C GLU A 17 -16.06 -9.63 17.14
N ARG A 18 -17.06 -8.93 17.64
CA ARG A 18 -17.90 -8.07 16.79
C ARG A 18 -17.41 -6.63 16.72
N ALA A 19 -17.48 -6.05 15.53
CA ALA A 19 -17.03 -4.67 15.32
C ALA A 19 -18.20 -3.71 15.10
N THR A 20 -18.13 -2.57 15.76
CA THR A 20 -19.15 -1.54 15.66
C THR A 20 -18.53 -0.21 15.24
N LEU A 21 -18.67 0.12 13.96
CA LEU A 21 -18.13 1.38 13.46
C LEU A 21 -19.23 2.42 13.45
N SER A 22 -18.87 3.65 13.81
CA SER A 22 -19.83 4.74 13.87
C SER A 22 -19.47 5.87 12.93
N CYS A 23 -20.50 6.42 12.30
CA CYS A 23 -20.35 7.54 11.37
C CYS A 23 -21.44 8.53 11.70
N ARG A 24 -21.06 9.73 12.08
CA ARG A 24 -22.05 10.76 12.41
C ARG A 24 -21.98 11.94 11.47
N ALA A 25 -23.14 12.48 11.11
CA ALA A 25 -23.18 13.62 10.22
C ALA A 25 -23.61 14.88 10.95
N SER A 26 -22.93 15.98 10.63
CA SER A 26 -23.20 17.29 11.22
C SER A 26 -24.59 17.81 10.79
N GLN A 27 -25.40 16.91 10.24
CA GLN A 27 -26.75 17.22 9.78
C GLN A 27 -27.44 15.94 9.34
N SER A 28 -28.76 15.94 9.36
CA SER A 28 -29.52 14.77 8.95
C SER A 28 -29.19 14.38 7.50
N VAL A 29 -29.14 13.09 7.22
CA VAL A 29 -28.82 12.62 5.87
C VAL A 29 -29.79 11.55 5.37
N SER A 30 -30.27 11.71 4.15
CA SER A 30 -31.16 10.72 3.54
C SER A 30 -30.34 9.44 3.36
N SER A 31 -30.89 8.33 3.82
CA SER A 31 -30.22 7.05 3.75
C SER A 31 -29.71 6.62 2.38
N ARG A 32 -30.29 7.17 1.32
CA ARG A 32 -29.86 6.79 -0.02
C ARG A 32 -28.52 7.40 -0.38
N TYR A 33 -28.07 8.36 0.42
CA TYR A 33 -26.78 9.01 0.15
C TYR A 33 -25.63 8.53 1.02
N LEU A 34 -25.89 7.60 1.93
CA LEU A 34 -24.82 7.13 2.79
C LEU A 34 -24.27 5.78 2.39
N ALA A 35 -22.96 5.74 2.14
CA ALA A 35 -22.28 4.51 1.74
C ALA A 35 -21.06 4.18 2.59
N TRP A 36 -20.70 2.89 2.63
CA TRP A 36 -19.54 2.41 3.38
C TRP A 36 -18.50 1.78 2.48
N TYR A 37 -17.23 2.09 2.75
CA TYR A 37 -16.15 1.53 1.95
C TYR A 37 -15.08 0.87 2.79
N GLN A 38 -14.46 -0.16 2.22
CA GLN A 38 -13.38 -0.89 2.87
C GLN A 38 -12.13 -0.72 2.03
N GLN A 39 -11.00 -0.43 2.68
CA GLN A 39 -9.74 -0.28 1.95
C GLN A 39 -8.60 -1.02 2.63
N LYS A 40 -8.11 -2.06 1.95
CA LYS A 40 -7.00 -2.85 2.45
C LYS A 40 -5.68 -2.23 1.98
N PRO A 41 -4.59 -2.44 2.76
CA PRO A 41 -3.24 -1.93 2.48
C PRO A 41 -2.85 -1.86 1.01
N GLY A 42 -2.42 -0.67 0.58
CA GLY A 42 -2.01 -0.46 -0.80
C GLY A 42 -2.95 -1.08 -1.82
N GLN A 43 -4.21 -0.69 -1.78
CA GLN A 43 -5.19 -1.27 -2.69
C GLN A 43 -6.35 -0.30 -2.75
N ALA A 44 -7.08 -0.30 -3.86
CA ALA A 44 -8.21 0.61 -4.02
C ALA A 44 -9.38 0.37 -3.07
N PRO A 45 -10.11 1.44 -2.75
CA PRO A 45 -11.26 1.29 -1.85
C PRO A 45 -12.28 0.40 -2.56
N ARG A 46 -13.20 -0.18 -1.80
CA ARG A 46 -14.24 -0.98 -2.42
C ARG A 46 -15.50 -0.73 -1.65
N LEU A 47 -16.63 -0.85 -2.34
CA LEU A 47 -17.93 -0.62 -1.74
C LEU A 47 -18.37 -1.80 -0.88
N LEU A 48 -19.01 -1.51 0.25
CA LEU A 48 -19.50 -2.56 1.12
C LEU A 48 -20.99 -2.42 1.27
N ILE A 49 -21.38 -1.20 1.62
CA ILE A 49 -22.77 -0.87 1.87
C ILE A 49 -23.21 0.43 1.23
N TYR A 50 -24.37 0.39 0.58
CA TYR A 50 -24.96 1.57 -0.05
C TYR A 50 -26.38 1.72 0.49
N GLY A 51 -26.96 2.91 0.35
CA GLY A 51 -28.31 3.14 0.86
C GLY A 51 -28.41 2.89 2.35
N ALA A 52 -27.31 3.12 3.06
CA ALA A 52 -27.22 2.95 4.51
C ALA A 52 -27.24 1.51 5.02
N SER A 53 -27.98 0.62 4.36
CA SER A 53 -28.04 -0.74 4.84
C SER A 53 -28.01 -1.84 3.79
N SER A 54 -27.95 -1.46 2.52
CA SER A 54 -27.90 -2.44 1.45
C SER A 54 -26.45 -2.91 1.22
N ARG A 55 -26.24 -4.22 1.28
CA ARG A 55 -24.92 -4.79 1.08
C ARG A 55 -24.63 -4.91 -0.42
N ALA A 56 -23.42 -4.56 -0.85
CA ALA A 56 -23.05 -4.66 -2.26
C ALA A 56 -22.84 -6.11 -2.68
N THR A 57 -23.10 -6.39 -3.95
CA THR A 57 -22.97 -7.73 -4.50
C THR A 57 -21.66 -8.38 -4.08
N GLY A 58 -21.75 -9.63 -3.62
CA GLY A 58 -20.57 -10.37 -3.22
C GLY A 58 -19.97 -10.08 -1.86
N ILE A 59 -20.51 -9.11 -1.13
CA ILE A 59 -19.97 -8.80 0.20
C ILE A 59 -20.49 -9.77 1.26
N PRO A 60 -19.59 -10.36 2.05
CA PRO A 60 -19.94 -11.31 3.11
C PRO A 60 -21.08 -10.81 3.99
N ASP A 61 -21.84 -11.75 4.55
CA ASP A 61 -22.99 -11.45 5.39
C ASP A 61 -22.65 -10.80 6.72
N ARG A 62 -21.45 -11.09 7.23
CA ARG A 62 -21.04 -10.52 8.51
C ARG A 62 -21.00 -8.98 8.49
N PHE A 63 -20.97 -8.40 7.31
CA PHE A 63 -20.97 -6.94 7.15
C PHE A 63 -22.42 -6.48 7.03
N SER A 64 -22.77 -5.42 7.74
CA SER A 64 -24.12 -4.87 7.67
C SER A 64 -24.23 -3.46 8.24
N GLY A 65 -24.93 -2.60 7.51
CA GLY A 65 -25.09 -1.23 7.95
C GLY A 65 -26.47 -0.93 8.49
N SER A 66 -26.52 0.00 9.43
CA SER A 66 -27.78 0.42 10.03
C SER A 66 -27.66 1.88 10.43
N GLY A 67 -28.69 2.39 11.10
CA GLY A 67 -28.66 3.78 11.52
C GLY A 67 -29.50 4.66 10.62
N SER A 68 -29.67 5.92 11.03
CA SER A 68 -30.45 6.90 10.27
C SER A 68 -30.23 8.32 10.76
N GLY A 69 -30.71 9.28 9.97
CA GLY A 69 -30.58 10.67 10.34
C GLY A 69 -29.16 11.17 10.50
N THR A 70 -28.60 11.02 11.70
CA THR A 70 -27.24 11.51 11.96
C THR A 70 -26.27 10.50 12.55
N ASP A 71 -26.75 9.29 12.83
CA ASP A 71 -25.87 8.27 13.39
C ASP A 71 -25.96 6.95 12.61
N PHE A 72 -24.98 6.69 11.76
CA PHE A 72 -24.96 5.46 10.98
C PHE A 72 -23.91 4.50 11.52
N THR A 73 -24.15 3.20 11.35
CA THR A 73 -23.23 2.21 11.88
C THR A 73 -22.92 1.03 10.97
N LEU A 74 -21.65 0.64 10.96
CA LEU A 74 -21.22 -0.51 10.19
C LEU A 74 -20.89 -1.59 11.20
N THR A 75 -21.41 -2.80 10.98
CA THR A 75 -21.15 -3.87 11.92
C THR A 75 -20.57 -5.13 11.25
N ILE A 76 -19.49 -5.62 11.83
CA ILE A 76 -18.85 -6.83 11.35
C ILE A 76 -19.18 -7.82 12.46
N SER A 77 -20.15 -8.69 12.20
CA SER A 77 -20.61 -9.69 13.17
C SER A 77 -19.49 -10.47 13.85
N ARG A 78 -18.59 -11.03 13.04
CA ARG A 78 -17.46 -11.79 13.57
C ARG A 78 -16.23 -11.47 12.74
N VAL A 79 -15.40 -10.60 13.29
CA VAL A 79 -14.19 -10.17 12.62
C VAL A 79 -13.30 -11.32 12.20
N GLU A 80 -12.67 -11.16 11.05
CA GLU A 80 -11.75 -12.15 10.51
C GLU A 80 -10.46 -11.48 10.11
N PRO A 81 -9.33 -12.20 10.25
CA PRO A 81 -8.01 -11.66 9.90
C PRO A 81 -8.01 -10.80 8.65
N GLU A 82 -8.67 -11.28 7.60
CA GLU A 82 -8.72 -10.57 6.33
C GLU A 82 -9.45 -9.23 6.37
N ASP A 83 -10.21 -9.00 7.44
CA ASP A 83 -10.95 -7.74 7.58
C ASP A 83 -10.05 -6.58 8.01
N PHE A 84 -8.75 -6.84 8.13
CA PHE A 84 -7.79 -5.80 8.50
C PHE A 84 -7.82 -4.72 7.42
N ALA A 85 -8.33 -3.54 7.76
CA ALA A 85 -8.39 -2.48 6.77
C ALA A 85 -8.91 -1.19 7.37
N VAL A 86 -9.00 -0.16 6.54
CA VAL A 86 -9.54 1.12 6.96
C VAL A 86 -10.95 1.20 6.37
N TYR A 87 -11.90 1.70 7.16
CA TYR A 87 -13.27 1.80 6.69
C TYR A 87 -13.75 3.25 6.65
N TYR A 88 -14.30 3.63 5.49
CA TYR A 88 -14.80 4.98 5.30
C TYR A 88 -16.29 5.04 5.03
N CYS A 89 -16.92 6.11 5.49
CA CYS A 89 -18.33 6.36 5.22
C CYS A 89 -18.34 7.59 4.33
N GLN A 90 -19.19 7.57 3.31
CA GLN A 90 -19.25 8.66 2.37
C GLN A 90 -20.69 9.10 2.20
N GLN A 91 -20.89 10.38 1.89
CA GLN A 91 -22.21 10.92 1.67
C GLN A 91 -22.20 11.90 0.51
N TYR A 92 -23.36 12.10 -0.11
CA TYR A 92 -23.51 13.03 -1.20
C TYR A 92 -24.58 14.02 -0.81
N ASP A 93 -24.32 15.29 -1.11
CA ASP A 93 -25.25 16.35 -0.78
C ASP A 93 -24.77 17.68 -1.36
N ASN A 94 -25.72 18.51 -1.76
CA ASN A 94 -25.37 19.83 -2.30
C ASN A 94 -24.41 19.69 -3.48
N SER A 95 -24.61 18.65 -4.29
CA SER A 95 -23.74 18.43 -5.44
C SER A 95 -22.27 18.24 -5.03
N VAL A 96 -22.06 17.60 -3.88
CA VAL A 96 -20.72 17.35 -3.39
C VAL A 96 -20.68 16.06 -2.59
N CYS A 97 -19.66 15.25 -2.89
CA CYS A 97 -19.43 13.97 -2.24
C CYS A 97 -18.36 14.19 -1.18
N THR A 98 -18.50 13.55 -0.01
CA THR A 98 -17.50 13.70 1.05
C THR A 98 -17.33 12.41 1.87
N PHE A 99 -16.13 12.25 2.44
CA PHE A 99 -15.82 11.07 3.23
C PHE A 99 -15.49 11.40 4.68
N GLY A 100 -15.62 10.39 5.54
CA GLY A 100 -15.28 10.54 6.94
C GLY A 100 -13.78 10.31 6.99
N GLN A 101 -13.17 10.43 8.16
CA GLN A 101 -11.73 10.24 8.29
C GLN A 101 -11.38 8.76 8.18
N GLY A 102 -12.34 7.90 8.51
CA GLY A 102 -12.12 6.47 8.44
C GLY A 102 -11.77 5.85 9.78
N THR A 103 -12.06 4.56 9.92
CA THR A 103 -11.74 3.84 11.15
C THR A 103 -10.79 2.70 10.80
N LYS A 104 -9.63 2.67 11.44
CA LYS A 104 -8.62 1.64 11.19
C LYS A 104 -8.91 0.41 12.04
N LEU A 105 -8.97 -0.74 11.38
CA LEU A 105 -9.25 -1.98 12.10
C LEU A 105 -7.98 -2.81 12.27
N GLU A 106 -7.54 -2.90 13.52
CA GLU A 106 -6.35 -3.67 13.85
C GLU A 106 -6.71 -4.97 14.53
N ILE A 107 -6.05 -6.06 14.13
CA ILE A 107 -6.33 -7.38 14.67
C ILE A 107 -5.44 -7.80 15.84
N LYS A 108 -6.06 -8.12 16.96
CA LYS A 108 -5.33 -8.57 18.15
C LYS A 108 -5.07 -10.06 17.93
N ARG A 109 -3.96 -10.55 18.48
CA ARG A 109 -3.63 -11.97 18.36
C ARG A 109 -2.55 -12.38 19.35
N THR A 110 -2.27 -13.67 19.41
CA THR A 110 -1.26 -14.18 20.33
C THR A 110 0.13 -13.72 19.92
N VAL A 111 1.00 -13.60 20.91
CA VAL A 111 2.39 -13.19 20.69
C VAL A 111 3.08 -14.20 19.79
N ALA A 112 3.77 -13.70 18.77
CA ALA A 112 4.50 -14.55 17.84
C ALA A 112 5.93 -14.04 17.77
N ALA A 113 6.89 -14.95 17.95
CA ALA A 113 8.30 -14.58 17.92
C ALA A 113 8.77 -14.43 16.48
N PRO A 114 9.65 -13.45 16.23
CA PRO A 114 10.14 -13.26 14.86
C PRO A 114 11.25 -14.23 14.53
N SER A 115 11.30 -14.66 13.28
CA SER A 115 12.36 -15.54 12.82
C SER A 115 13.36 -14.55 12.24
N VAL A 116 14.62 -14.65 12.64
CA VAL A 116 15.63 -13.73 12.16
C VAL A 116 16.59 -14.35 11.14
N PHE A 117 16.79 -13.64 10.04
CA PHE A 117 17.70 -14.08 8.99
C PHE A 117 18.57 -12.88 8.70
N ILE A 118 19.72 -13.09 8.07
CA ILE A 118 20.60 -11.98 7.75
C ILE A 118 21.19 -12.20 6.38
N PHE A 119 21.40 -11.12 5.64
CA PHE A 119 21.94 -11.24 4.30
C PHE A 119 23.17 -10.39 4.05
N PRO A 120 24.30 -11.06 3.80
CA PRO A 120 25.53 -10.32 3.54
C PRO A 120 25.26 -9.57 2.26
N PRO A 121 25.98 -8.47 2.01
CA PRO A 121 25.70 -7.78 0.76
C PRO A 121 26.19 -8.62 -0.39
N SER A 122 25.62 -8.39 -1.57
CA SER A 122 26.00 -9.11 -2.77
C SER A 122 27.35 -8.58 -3.30
N ASP A 123 28.01 -9.38 -4.11
CA ASP A 123 29.30 -8.99 -4.69
C ASP A 123 29.10 -7.96 -5.77
N GLU A 124 27.94 -8.02 -6.42
CA GLU A 124 27.60 -7.09 -7.48
C GLU A 124 27.46 -5.70 -6.89
N GLN A 125 26.90 -5.63 -5.68
CA GLN A 125 26.73 -4.34 -5.04
C GLN A 125 28.08 -3.83 -4.60
N LEU A 126 28.95 -4.73 -4.14
CA LEU A 126 30.28 -4.33 -3.69
C LEU A 126 31.10 -3.75 -4.83
N LYS A 127 30.91 -4.29 -6.04
CA LYS A 127 31.62 -3.79 -7.20
C LYS A 127 31.12 -2.38 -7.52
N SER A 128 29.96 -2.03 -6.98
CA SER A 128 29.40 -0.71 -7.21
C SER A 128 29.92 0.27 -6.17
N GLY A 129 30.61 -0.25 -5.15
CA GLY A 129 31.17 0.60 -4.13
C GLY A 129 30.32 0.86 -2.90
N THR A 130 29.29 0.04 -2.70
CA THR A 130 28.44 0.21 -1.54
C THR A 130 28.05 -1.15 -0.99
N ALA A 131 27.81 -1.22 0.30
CA ALA A 131 27.41 -2.47 0.95
C ALA A 131 26.12 -2.29 1.74
N SER A 132 25.19 -3.21 1.52
CA SER A 132 23.91 -3.18 2.23
C SER A 132 23.76 -4.51 2.94
N VAL A 133 23.73 -4.47 4.26
CA VAL A 133 23.55 -5.68 5.04
C VAL A 133 22.09 -5.67 5.45
N VAL A 134 21.37 -6.71 5.08
CA VAL A 134 19.96 -6.78 5.38
C VAL A 134 19.63 -7.79 6.46
N CYS A 135 18.92 -7.33 7.48
CA CYS A 135 18.51 -8.20 8.57
C CYS A 135 16.99 -8.27 8.54
N LEU A 136 16.45 -9.47 8.51
CA LEU A 136 15.02 -9.68 8.44
C LEU A 136 14.40 -10.33 9.68
N LEU A 137 13.33 -9.71 10.18
CA LEU A 137 12.57 -10.21 11.34
C LEU A 137 11.22 -10.58 10.73
N ASN A 138 11.02 -11.88 10.51
CA ASN A 138 9.83 -12.39 9.85
C ASN A 138 8.67 -12.86 10.72
N ASN A 139 7.46 -12.49 10.30
CA ASN A 139 6.22 -12.89 10.95
C ASN A 139 6.20 -12.95 12.48
N PHE A 140 5.98 -11.80 13.11
CA PHE A 140 5.94 -11.72 14.56
C PHE A 140 4.79 -10.82 15.04
N TYR A 141 4.58 -10.79 16.36
CA TYR A 141 3.52 -9.99 16.97
C TYR A 141 3.79 -9.85 18.48
N PRO A 142 3.61 -8.64 19.04
CA PRO A 142 3.19 -7.37 18.45
C PRO A 142 4.28 -6.65 17.66
N ARG A 143 3.93 -5.49 17.09
CA ARG A 143 4.84 -4.69 16.26
C ARG A 143 6.09 -4.15 16.95
N GLU A 144 6.09 -4.09 18.27
CA GLU A 144 7.26 -3.54 18.94
C GLU A 144 8.44 -4.50 18.96
N ALA A 145 9.56 -4.03 18.43
CA ALA A 145 10.79 -4.81 18.37
C ALA A 145 12.00 -3.87 18.31
N LYS A 146 13.17 -4.37 18.69
CA LYS A 146 14.39 -3.59 18.68
C LYS A 146 15.50 -4.34 17.97
N VAL A 147 16.19 -3.67 17.06
CA VAL A 147 17.29 -4.30 16.34
C VAL A 147 18.53 -3.42 16.39
N GLN A 148 19.64 -3.98 16.83
CA GLN A 148 20.89 -3.25 16.91
C GLN A 148 21.91 -3.90 15.99
N TRP A 149 22.73 -3.06 15.36
CA TRP A 149 23.77 -3.58 14.50
C TRP A 149 25.09 -3.48 15.24
N LYS A 150 25.82 -4.57 15.27
CA LYS A 150 27.13 -4.61 15.92
C LYS A 150 28.17 -5.09 14.93
N VAL A 151 29.10 -4.20 14.60
CA VAL A 151 30.18 -4.53 13.67
C VAL A 151 31.39 -4.87 14.52
N ASP A 152 31.98 -6.04 14.27
CA ASP A 152 33.13 -6.49 15.06
C ASP A 152 32.82 -6.23 16.52
N ASN A 153 31.56 -6.46 16.88
CA ASN A 153 31.05 -6.29 18.23
C ASN A 153 31.03 -4.84 18.75
N ALA A 154 30.76 -3.89 17.86
CA ALA A 154 30.68 -2.48 18.22
C ALA A 154 29.32 -1.91 17.77
N LEU A 155 28.54 -1.38 18.70
CA LEU A 155 27.22 -0.83 18.39
C LEU A 155 27.22 0.31 17.37
N GLN A 156 26.30 0.23 16.41
CA GLN A 156 26.19 1.23 15.33
C GLN A 156 25.09 2.28 15.54
N SER A 157 25.22 3.42 14.87
CA SER A 157 24.23 4.50 14.95
C SER A 157 24.07 5.26 13.64
N GLY A 158 22.81 5.60 13.32
CA GLY A 158 22.51 6.37 12.13
C GLY A 158 22.99 5.86 10.77
N ASN A 159 23.21 4.55 10.66
CA ASN A 159 23.66 4.00 9.39
C ASN A 159 22.80 2.80 9.01
N SER A 160 21.59 2.75 9.56
CA SER A 160 20.64 1.68 9.25
C SER A 160 19.25 2.28 9.20
N GLN A 161 18.35 1.61 8.48
CA GLN A 161 16.98 2.08 8.37
C GLN A 161 16.05 0.87 8.46
N GLU A 162 14.90 1.07 9.09
CA GLU A 162 13.94 -0.02 9.24
C GLU A 162 12.68 0.23 8.42
N SER A 163 12.04 -0.86 8.04
CA SER A 163 10.82 -0.78 7.26
C SER A 163 9.96 -1.87 7.84
N VAL A 164 8.67 -1.59 8.02
CA VAL A 164 7.79 -2.62 8.55
C VAL A 164 6.54 -2.73 7.71
N THR A 165 6.13 -3.97 7.48
CA THR A 165 4.95 -4.27 6.69
C THR A 165 3.71 -4.05 7.55
N GLU A 166 2.54 -3.99 6.93
CA GLU A 166 1.32 -3.83 7.71
C GLU A 166 0.84 -5.23 8.04
N GLN A 167 -0.10 -5.35 8.96
CA GLN A 167 -0.57 -6.68 9.34
C GLN A 167 -0.95 -7.59 8.19
N ASP A 168 -0.41 -8.80 8.20
CA ASP A 168 -0.70 -9.78 7.16
C ASP A 168 -2.20 -10.14 7.11
N SER A 169 -2.74 -10.31 5.91
CA SER A 169 -4.16 -10.64 5.73
C SER A 169 -4.56 -11.96 6.41
N LYS A 170 -3.64 -12.91 6.40
CA LYS A 170 -3.91 -14.24 6.96
C LYS A 170 -3.50 -14.50 8.39
N ASP A 171 -2.22 -14.31 8.72
CA ASP A 171 -1.78 -14.58 10.09
C ASP A 171 -1.70 -13.36 10.99
N SER A 172 -2.07 -12.20 10.46
CA SER A 172 -2.06 -10.97 11.23
C SER A 172 -0.73 -10.60 11.87
N THR A 173 0.39 -11.08 11.33
CA THR A 173 1.70 -10.73 11.89
C THR A 173 2.41 -9.62 11.13
N TYR A 174 3.54 -9.17 11.66
CA TYR A 174 4.33 -8.13 11.01
C TYR A 174 5.67 -8.70 10.60
N SER A 175 6.34 -7.98 9.71
CA SER A 175 7.67 -8.37 9.27
C SER A 175 8.46 -7.07 9.29
N LEU A 176 9.75 -7.17 9.58
CA LEU A 176 10.58 -5.97 9.66
C LEU A 176 11.88 -6.15 8.95
N SER A 177 12.38 -5.07 8.36
CA SER A 177 13.67 -5.13 7.69
C SER A 177 14.51 -4.01 8.29
N SER A 178 15.78 -4.29 8.51
CA SER A 178 16.70 -3.30 9.03
C SER A 178 17.88 -3.34 8.06
N THR A 179 18.17 -2.23 7.40
CA THR A 179 19.26 -2.24 6.44
C THR A 179 20.43 -1.40 6.92
N LEU A 180 21.60 -2.04 7.01
CA LEU A 180 22.84 -1.40 7.42
C LEU A 180 23.50 -1.00 6.12
N THR A 181 23.83 0.27 5.97
CA THR A 181 24.47 0.72 4.74
C THR A 181 25.87 1.29 4.95
N LEU A 182 26.85 0.66 4.30
CA LEU A 182 28.24 1.11 4.43
C LEU A 182 28.92 1.23 3.07
N SER A 183 29.98 2.03 3.04
CA SER A 183 30.76 2.19 1.81
C SER A 183 31.54 0.89 1.70
N LYS A 184 31.90 0.48 0.49
CA LYS A 184 32.65 -0.75 0.35
C LYS A 184 33.84 -0.71 1.31
N ALA A 185 34.58 0.39 1.29
CA ALA A 185 35.75 0.57 2.15
C ALA A 185 35.49 0.31 3.63
N ASP A 186 34.53 1.02 4.21
CA ASP A 186 34.21 0.82 5.62
C ASP A 186 33.81 -0.62 5.91
N TYR A 187 33.14 -1.25 4.96
CA TYR A 187 32.73 -2.63 5.11
C TYR A 187 33.99 -3.49 5.11
N GLU A 188 34.93 -3.10 4.26
CA GLU A 188 36.21 -3.81 4.12
C GLU A 188 37.00 -3.89 5.42
N LYS A 189 37.02 -2.80 6.17
CA LYS A 189 37.79 -2.75 7.41
C LYS A 189 37.24 -3.52 8.62
N HIS A 190 36.30 -4.44 8.42
CA HIS A 190 35.76 -5.23 9.53
C HIS A 190 35.29 -6.60 9.08
N LYS A 191 35.02 -7.49 10.03
CA LYS A 191 34.59 -8.84 9.66
C LYS A 191 33.30 -9.41 10.23
N VAL A 192 33.09 -9.36 11.54
CA VAL A 192 31.84 -9.91 12.07
C VAL A 192 30.73 -8.86 12.07
N TYR A 193 29.67 -9.15 11.33
CA TYR A 193 28.50 -8.28 11.25
C TYR A 193 27.36 -9.01 11.94
N ALA A 194 26.81 -8.41 12.98
CA ALA A 194 25.74 -9.05 13.73
C ALA A 194 24.48 -8.23 13.88
N CYS A 195 23.36 -8.93 13.89
CA CYS A 195 22.05 -8.35 14.03
C CYS A 195 21.43 -8.86 15.32
N GLU A 196 21.24 -7.99 16.29
CA GLU A 196 20.65 -8.41 17.57
C GLU A 196 19.20 -7.94 17.66
N VAL A 197 18.28 -8.92 17.72
CA VAL A 197 16.85 -8.64 17.77
C VAL A 197 16.25 -8.85 19.16
N THR A 198 15.59 -7.81 19.67
CA THR A 198 14.96 -7.89 20.97
C THR A 198 13.45 -7.73 20.82
N HIS A 199 12.73 -8.84 20.89
CA HIS A 199 11.28 -8.82 20.76
C HIS A 199 10.62 -9.44 22.00
N GLN A 200 9.41 -8.96 22.30
CA GLN A 200 8.67 -9.44 23.45
C GLN A 200 8.55 -10.97 23.53
N GLY A 201 8.43 -11.61 22.38
CA GLY A 201 8.27 -13.06 22.34
C GLY A 201 9.53 -13.90 22.40
N LEU A 202 10.68 -13.26 22.58
CA LEU A 202 11.94 -13.98 22.65
C LEU A 202 12.46 -13.95 24.09
N SER A 203 12.61 -15.12 24.68
CA SER A 203 13.10 -15.24 26.05
C SER A 203 14.42 -14.50 26.24
N SER A 204 15.31 -14.63 25.26
CA SER A 204 16.61 -13.96 25.32
C SER A 204 16.90 -13.32 23.97
N PRO A 205 17.35 -12.05 23.95
CA PRO A 205 17.68 -11.30 22.73
C PRO A 205 18.48 -12.10 21.70
N VAL A 206 17.86 -12.39 20.56
CA VAL A 206 18.48 -13.19 19.50
C VAL A 206 19.45 -12.44 18.60
N THR A 207 20.52 -13.13 18.20
CA THR A 207 21.54 -12.55 17.34
C THR A 207 21.88 -13.43 16.15
N LYS A 208 21.98 -12.80 14.98
CA LYS A 208 22.33 -13.49 13.74
C LYS A 208 23.52 -12.73 13.17
N SER A 209 24.60 -13.44 12.88
CA SER A 209 25.79 -12.80 12.34
C SER A 209 26.48 -13.62 11.28
N PHE A 210 27.59 -13.07 10.76
CA PHE A 210 28.39 -13.73 9.76
C PHE A 210 29.74 -13.03 9.69
N ASN A 211 30.76 -13.75 9.19
CA ASN A 211 32.09 -13.17 9.03
C ASN A 211 32.23 -12.89 7.56
N ARG A 212 32.73 -11.71 7.21
CA ARG A 212 32.85 -11.33 5.80
C ARG A 212 33.63 -12.31 4.90
N GLY A 213 33.90 -13.50 5.41
CA GLY A 213 34.61 -14.50 4.61
C GLY A 213 33.87 -15.85 4.62
N GLU A 214 32.73 -15.92 3.93
CA GLU A 214 31.94 -17.15 3.86
C GLU A 214 32.21 -17.96 2.60
N VAL B 2 -17.47 -4.75 -15.02
CA VAL B 2 -16.94 -3.49 -15.54
C VAL B 2 -15.68 -3.08 -14.79
N GLN B 3 -14.56 -3.06 -15.50
CA GLN B 3 -13.27 -2.71 -14.92
C GLN B 3 -12.79 -1.33 -15.36
N LEU B 4 -12.14 -0.62 -14.45
CA LEU B 4 -11.64 0.71 -14.76
C LEU B 4 -10.13 0.71 -14.59
N GLN B 5 -9.44 1.37 -15.52
CA GLN B 5 -8.00 1.43 -15.45
C GLN B 5 -7.48 2.81 -15.81
N GLU B 6 -7.00 3.52 -14.79
CA GLU B 6 -6.44 4.84 -15.01
C GLU B 6 -5.02 4.70 -15.53
N SER B 7 -4.56 5.70 -16.24
CA SER B 7 -3.20 5.69 -16.78
C SER B 7 -2.73 7.12 -16.82
N GLY B 8 -1.43 7.30 -16.77
CA GLY B 8 -0.86 8.64 -16.81
C GLY B 8 0.48 8.66 -16.11
N PRO B 9 1.21 9.78 -16.20
CA PRO B 9 2.53 9.89 -15.57
C PRO B 9 2.44 9.79 -14.05
N GLY B 10 3.53 9.33 -13.43
CA GLY B 10 3.55 9.23 -11.99
C GLY B 10 4.38 10.37 -11.46
N LEU B 11 5.01 11.10 -12.37
CA LEU B 11 5.86 12.24 -12.01
C LEU B 11 5.45 13.51 -12.73
N VAL B 12 5.30 14.61 -11.98
CA VAL B 12 4.91 15.89 -12.56
C VAL B 12 5.72 17.00 -11.88
N LYS B 13 6.38 17.85 -12.67
CA LYS B 13 7.18 18.95 -12.11
C LYS B 13 6.26 19.98 -11.46
N PRO B 14 6.74 20.67 -10.43
CA PRO B 14 5.94 21.67 -9.74
C PRO B 14 5.39 22.74 -10.68
N SER B 15 4.14 23.14 -10.43
CA SER B 15 3.42 24.17 -11.19
C SER B 15 2.92 23.72 -12.57
N GLU B 16 3.24 22.49 -12.94
CA GLU B 16 2.81 21.94 -14.22
C GLU B 16 1.42 21.33 -14.17
N THR B 17 0.96 20.77 -15.28
CA THR B 17 -0.37 20.20 -15.35
C THR B 17 -0.41 18.69 -15.43
N LEU B 18 -1.25 18.10 -14.58
CA LEU B 18 -1.43 16.65 -14.52
C LEU B 18 -2.51 16.20 -15.49
N SER B 19 -2.28 15.06 -16.14
CA SER B 19 -3.26 14.51 -17.08
C SER B 19 -3.38 13.00 -16.89
N LEU B 20 -4.54 12.56 -16.43
CA LEU B 20 -4.82 11.14 -16.21
C LEU B 20 -6.08 10.70 -16.97
N THR B 21 -6.02 9.53 -17.58
CA THR B 21 -7.17 9.01 -18.31
C THR B 21 -7.57 7.64 -17.77
N CYS B 22 -8.88 7.43 -17.65
CA CYS B 22 -9.43 6.19 -17.15
C CYS B 22 -10.10 5.48 -18.34
N THR B 23 -9.75 4.22 -18.54
CA THR B 23 -10.32 3.44 -19.64
C THR B 23 -11.26 2.37 -19.09
N VAL B 24 -12.51 2.39 -19.53
CA VAL B 24 -13.49 1.43 -19.06
C VAL B 24 -13.57 0.21 -19.95
N SER B 25 -13.71 -0.97 -19.34
CA SER B 25 -13.82 -2.22 -20.08
C SER B 25 -14.99 -3.06 -19.54
N GLY B 26 -15.75 -3.66 -20.45
CA GLY B 26 -16.87 -4.49 -20.04
C GLY B 26 -18.14 -3.70 -19.80
N GLY B 27 -18.02 -2.38 -19.84
CA GLY B 27 -19.16 -1.50 -19.62
C GLY B 27 -19.07 -0.31 -20.56
N SER B 28 -19.99 0.63 -20.42
CA SER B 28 -20.00 1.80 -21.29
C SER B 28 -20.03 3.11 -20.53
N ILE B 29 -19.35 4.12 -21.05
CA ILE B 29 -19.32 5.43 -20.42
C ILE B 29 -20.71 6.06 -20.46
N SER B 30 -21.37 5.96 -21.60
CA SER B 30 -22.71 6.54 -21.77
C SER B 30 -23.69 6.04 -20.72
N SER B 31 -24.55 6.95 -20.27
CA SER B 31 -25.59 6.68 -19.28
C SER B 31 -25.16 6.95 -17.85
N HIS B 32 -23.86 6.79 -17.59
CA HIS B 32 -23.31 6.94 -16.25
C HIS B 32 -22.52 8.19 -15.91
N TYR B 33 -22.33 8.39 -14.61
CA TYR B 33 -21.55 9.49 -14.10
C TYR B 33 -20.16 8.91 -13.79
N TRP B 34 -19.13 9.73 -13.92
CA TRP B 34 -17.78 9.27 -13.66
C TRP B 34 -16.99 10.25 -12.82
N SER B 35 -16.46 9.76 -11.71
CA SER B 35 -15.70 10.58 -10.79
C SER B 35 -14.19 10.35 -10.76
N TRP B 36 -13.48 11.33 -10.22
CA TRP B 36 -12.04 11.25 -10.03
C TRP B 36 -11.88 11.46 -8.54
N ILE B 37 -10.98 10.71 -7.94
CA ILE B 37 -10.73 10.81 -6.50
C ILE B 37 -9.24 10.65 -6.26
N ARG B 38 -8.75 11.22 -5.16
CA ARG B 38 -7.34 11.11 -4.82
C ARG B 38 -7.20 10.91 -3.32
N GLN B 39 -6.12 10.27 -2.93
CA GLN B 39 -5.85 9.96 -1.54
C GLN B 39 -4.41 10.30 -1.25
N SER B 40 -4.19 11.24 -0.34
CA SER B 40 -2.85 11.61 0.03
C SER B 40 -2.25 10.48 0.84
N PRO B 41 -0.92 10.30 0.75
CA PRO B 41 -0.25 9.23 1.49
C PRO B 41 -0.68 9.19 2.95
N GLY B 42 -1.10 7.99 3.38
CA GLY B 42 -1.52 7.78 4.74
C GLY B 42 -2.64 8.67 5.23
N LYS B 43 -3.44 9.20 4.30
CA LYS B 43 -4.55 10.07 4.66
C LYS B 43 -5.88 9.71 3.99
N GLY B 44 -6.87 10.57 4.16
CA GLY B 44 -8.19 10.32 3.62
C GLY B 44 -8.46 10.56 2.15
N LEU B 45 -9.65 10.12 1.75
CA LEU B 45 -10.10 10.26 0.39
C LEU B 45 -10.75 11.61 0.16
N GLN B 46 -10.39 12.24 -0.95
CA GLN B 46 -10.98 13.51 -1.32
C GLN B 46 -11.55 13.38 -2.73
N TRP B 47 -12.87 13.50 -2.82
CA TRP B 47 -13.58 13.42 -4.09
C TRP B 47 -13.17 14.67 -4.87
N ILE B 48 -12.83 14.49 -6.14
CA ILE B 48 -12.42 15.60 -6.98
C ILE B 48 -13.59 16.21 -7.76
N GLY B 49 -14.38 15.34 -8.40
CA GLY B 49 -15.53 15.79 -9.18
C GLY B 49 -15.98 14.70 -10.14
N TYR B 50 -17.06 14.93 -10.86
CA TYR B 50 -17.56 13.94 -11.82
C TYR B 50 -17.96 14.55 -13.16
N ILE B 51 -18.34 13.69 -14.08
CA ILE B 51 -18.79 14.12 -15.40
C ILE B 51 -19.87 13.16 -15.89
N TYR B 52 -20.96 13.71 -16.40
CA TYR B 52 -22.05 12.90 -16.91
C TYR B 52 -21.73 12.68 -18.39
N TYR B 53 -21.90 11.46 -18.88
CA TYR B 53 -21.59 11.16 -20.27
C TYR B 53 -21.99 12.25 -21.26
N SER B 54 -23.18 12.83 -21.07
CA SER B 54 -23.70 13.87 -21.96
C SER B 54 -22.92 15.18 -21.90
N GLY B 55 -21.96 15.29 -21.00
CA GLY B 55 -21.16 16.49 -20.91
C GLY B 55 -21.20 17.25 -19.60
N SER B 56 -22.33 17.21 -18.92
CA SER B 56 -22.48 17.92 -17.66
C SER B 56 -21.44 17.50 -16.63
N THR B 57 -20.81 18.46 -15.98
CA THR B 57 -19.79 18.18 -14.97
C THR B 57 -20.09 18.89 -13.65
N ASN B 58 -19.40 18.48 -12.61
CA ASN B 58 -19.58 19.04 -11.28
C ASN B 58 -18.33 18.78 -10.45
N TYR B 59 -17.66 19.85 -10.04
CA TYR B 59 -16.42 19.71 -9.28
C TYR B 59 -16.56 20.11 -7.81
N SER B 60 -15.63 19.64 -6.98
CA SER B 60 -15.68 20.01 -5.58
C SER B 60 -15.25 21.47 -5.54
N PRO B 61 -15.73 22.22 -4.54
CA PRO B 61 -15.39 23.63 -4.38
C PRO B 61 -13.88 23.88 -4.27
N SER B 62 -13.25 23.32 -3.25
CA SER B 62 -11.82 23.51 -3.01
C SER B 62 -10.90 23.33 -4.23
N LEU B 63 -11.28 22.47 -5.17
CA LEU B 63 -10.45 22.23 -6.34
C LEU B 63 -10.90 22.93 -7.62
N LYS B 64 -12.22 22.98 -7.82
CA LYS B 64 -12.87 23.59 -8.98
C LYS B 64 -12.08 24.59 -9.85
N SER B 65 -11.39 25.53 -9.20
CA SER B 65 -10.63 26.55 -9.92
C SER B 65 -9.50 26.04 -10.80
N ARG B 66 -9.15 24.76 -10.69
CA ARG B 66 -8.08 24.22 -11.53
C ARG B 66 -8.36 22.83 -12.08
N VAL B 67 -9.53 22.30 -11.76
CA VAL B 67 -9.95 20.99 -12.21
C VAL B 67 -10.64 21.09 -13.57
N THR B 68 -10.61 20.00 -14.33
CA THR B 68 -11.26 19.96 -15.64
C THR B 68 -11.45 18.50 -16.04
N ILE B 69 -12.69 18.01 -15.95
CA ILE B 69 -12.96 16.63 -16.32
C ILE B 69 -13.57 16.51 -17.74
N SER B 70 -12.94 15.69 -18.56
CA SER B 70 -13.38 15.46 -19.93
C SER B 70 -13.82 14.03 -20.11
N VAL B 71 -14.64 13.80 -21.12
CA VAL B 71 -15.11 12.47 -21.43
C VAL B 71 -14.87 12.23 -22.92
N GLU B 72 -14.64 10.98 -23.29
CA GLU B 72 -14.38 10.61 -24.67
C GLU B 72 -15.19 9.34 -24.93
N THR B 73 -16.51 9.51 -25.01
CA THR B 73 -17.42 8.40 -25.21
C THR B 73 -17.08 7.49 -26.38
N ALA B 74 -16.29 7.97 -27.33
CA ALA B 74 -15.92 7.17 -28.50
C ALA B 74 -14.77 6.20 -28.23
N LYS B 75 -14.07 6.39 -27.12
CA LYS B 75 -12.96 5.52 -26.77
C LYS B 75 -13.29 4.79 -25.47
N ASN B 76 -14.36 5.22 -24.82
CA ASN B 76 -14.84 4.65 -23.57
C ASN B 76 -13.88 5.08 -22.46
N GLN B 77 -13.47 6.35 -22.52
CA GLN B 77 -12.55 6.92 -21.55
C GLN B 77 -13.04 8.27 -21.04
N PHE B 78 -12.45 8.73 -19.94
CA PHE B 78 -12.74 10.05 -19.40
C PHE B 78 -11.44 10.46 -18.74
N SER B 79 -11.09 11.73 -18.89
CA SER B 79 -9.84 12.22 -18.35
C SER B 79 -9.97 13.31 -17.31
N LEU B 80 -8.85 13.59 -16.64
CA LEU B 80 -8.81 14.63 -15.63
C LEU B 80 -7.62 15.52 -15.92
N LYS B 81 -7.73 16.79 -15.53
CA LYS B 81 -6.64 17.73 -15.68
C LYS B 81 -6.68 18.68 -14.52
N LEU B 82 -5.57 18.71 -13.78
CA LEU B 82 -5.43 19.55 -12.60
C LEU B 82 -4.27 20.48 -12.90
N THR B 83 -4.55 21.77 -13.00
CA THR B 83 -3.52 22.74 -13.30
C THR B 83 -2.67 23.13 -12.11
N SER B 84 -1.49 23.68 -12.44
CA SER B 84 -0.50 24.13 -11.48
C SER B 84 -0.41 23.24 -10.23
N MET B 85 0.22 22.08 -10.41
CA MET B 85 0.42 21.09 -9.36
C MET B 85 1.51 21.48 -8.38
N THR B 86 1.33 21.11 -7.12
CA THR B 86 2.33 21.39 -6.09
C THR B 86 2.45 20.10 -5.28
N ALA B 87 3.39 20.05 -4.36
CA ALA B 87 3.60 18.83 -3.56
C ALA B 87 2.32 18.41 -2.83
N ALA B 88 1.49 19.39 -2.49
CA ALA B 88 0.26 19.10 -1.79
C ALA B 88 -0.63 18.23 -2.66
N ASP B 89 -0.37 18.26 -3.96
CA ASP B 89 -1.16 17.47 -4.88
C ASP B 89 -0.65 16.05 -5.08
N THR B 90 0.33 15.65 -4.26
CA THR B 90 0.87 14.31 -4.36
C THR B 90 -0.14 13.35 -3.76
N ALA B 91 -0.57 12.37 -4.55
CA ALA B 91 -1.55 11.40 -4.06
C ALA B 91 -1.80 10.29 -5.06
N VAL B 92 -2.61 9.33 -4.64
CA VAL B 92 -2.98 8.21 -5.50
C VAL B 92 -4.31 8.63 -6.09
N TYR B 93 -4.37 8.77 -7.41
CA TYR B 93 -5.61 9.15 -8.04
C TYR B 93 -6.38 7.95 -8.55
N TYR B 94 -7.63 7.84 -8.11
CA TYR B 94 -8.48 6.75 -8.54
C TYR B 94 -9.62 7.27 -9.40
N CYS B 95 -10.16 6.39 -10.23
CA CYS B 95 -11.34 6.74 -11.02
C CYS B 95 -12.39 5.76 -10.58
N ALA B 96 -13.63 6.23 -10.51
CA ALA B 96 -14.74 5.38 -10.10
C ALA B 96 -16.01 5.84 -10.76
N ARG B 97 -16.94 4.91 -10.95
CA ARG B 97 -18.22 5.23 -11.57
C ARG B 97 -19.15 5.78 -10.50
N GLY B 98 -19.87 6.84 -10.83
CA GLY B 98 -20.79 7.43 -9.86
C GLY B 98 -20.39 8.84 -9.47
N PRO B 99 -20.90 9.35 -8.35
CA PRO B 99 -21.83 8.59 -7.49
C PRO B 99 -23.32 8.69 -7.84
N VAL B 100 -23.65 9.41 -8.91
CA VAL B 100 -25.05 9.52 -9.30
C VAL B 100 -25.41 8.30 -10.12
N PRO B 101 -26.54 7.66 -9.79
CA PRO B 101 -27.00 6.47 -10.51
C PRO B 101 -27.51 6.75 -11.92
N ALA B 102 -27.40 5.76 -12.81
CA ALA B 102 -27.89 5.91 -14.19
C ALA B 102 -29.40 6.07 -14.10
N VAL B 103 -30.02 5.23 -13.28
CA VAL B 103 -31.46 5.28 -13.04
C VAL B 103 -31.66 6.48 -12.11
N PHE B 104 -32.59 7.36 -12.45
CA PHE B 104 -32.78 8.57 -11.63
C PHE B 104 -33.00 8.21 -10.15
N TYR B 105 -33.88 7.26 -9.85
CA TYR B 105 -34.05 6.86 -8.45
C TYR B 105 -32.92 5.85 -8.28
N GLY B 106 -32.79 5.25 -7.11
CA GLY B 106 -31.67 4.33 -6.94
C GLY B 106 -30.63 5.08 -6.15
N ASP B 107 -29.77 4.36 -5.43
CA ASP B 107 -28.79 5.00 -4.59
C ASP B 107 -27.51 5.54 -5.21
N TYR B 108 -26.83 6.37 -4.41
CA TYR B 108 -25.59 7.03 -4.78
C TYR B 108 -24.41 6.29 -4.16
N ARG B 109 -23.45 5.88 -4.98
CA ARG B 109 -22.29 5.15 -4.50
C ARG B 109 -21.17 5.21 -5.52
N LEU B 110 -19.93 5.09 -5.04
CA LEU B 110 -18.78 5.10 -5.93
C LEU B 110 -18.48 3.64 -6.17
N ASP B 111 -18.79 3.15 -7.37
CA ASP B 111 -18.60 1.75 -7.71
C ASP B 111 -18.89 1.52 -9.19
N PRO B 112 -18.00 0.81 -9.91
CA PRO B 112 -16.72 0.22 -9.48
C PRO B 112 -15.63 1.26 -9.34
N TRP B 113 -14.48 0.82 -8.83
CA TRP B 113 -13.32 1.68 -8.64
C TRP B 113 -12.19 1.23 -9.56
N GLY B 114 -11.18 2.08 -9.70
CA GLY B 114 -10.05 1.72 -10.52
C GLY B 114 -8.97 1.11 -9.64
N GLN B 115 -7.75 1.03 -10.16
CA GLN B 115 -6.62 0.48 -9.42
C GLN B 115 -5.93 1.63 -8.69
N GLY B 116 -6.07 2.83 -9.24
CA GLY B 116 -5.44 4.00 -8.66
C GLY B 116 -4.05 4.16 -9.23
N THR B 117 -3.58 5.41 -9.30
CA THR B 117 -2.24 5.68 -9.81
C THR B 117 -1.59 6.78 -8.98
N LEU B 118 -0.40 6.49 -8.47
CA LEU B 118 0.35 7.44 -7.65
C LEU B 118 0.97 8.56 -8.46
N VAL B 119 0.70 9.79 -8.03
CA VAL B 119 1.26 10.97 -8.69
C VAL B 119 2.09 11.78 -7.71
N THR B 120 3.38 11.86 -7.99
CA THR B 120 4.32 12.58 -7.15
C THR B 120 4.74 13.85 -7.88
N VAL B 121 4.62 14.99 -7.22
CA VAL B 121 5.01 16.27 -7.80
C VAL B 121 6.40 16.58 -7.30
N SER B 122 7.36 16.66 -8.22
CA SER B 122 8.75 16.93 -7.84
C SER B 122 9.58 17.45 -9.02
N SER B 123 10.62 18.22 -8.73
CA SER B 123 11.48 18.75 -9.77
C SER B 123 12.58 17.74 -10.09
N ALA B 124 12.74 16.74 -9.22
CA ALA B 124 13.75 15.71 -9.39
C ALA B 124 13.52 14.81 -10.60
N SER B 125 14.60 14.22 -11.09
CA SER B 125 14.51 13.34 -12.25
C SER B 125 14.12 11.93 -11.89
N THR B 126 13.59 11.20 -12.86
CA THR B 126 13.19 9.84 -12.64
C THR B 126 14.45 8.97 -12.71
N LYS B 127 14.51 7.93 -11.88
CA LYS B 127 15.67 7.05 -11.87
C LYS B 127 15.21 5.60 -11.69
N GLY B 128 15.68 4.74 -12.58
CA GLY B 128 15.33 3.33 -12.50
C GLY B 128 16.03 2.66 -11.32
N PRO B 129 15.44 1.62 -10.73
CA PRO B 129 16.11 0.99 -9.60
C PRO B 129 17.25 0.05 -9.96
N SER B 130 18.11 -0.21 -8.99
CA SER B 130 19.20 -1.14 -9.16
C SER B 130 18.76 -2.34 -8.32
N VAL B 131 18.75 -3.53 -8.91
CA VAL B 131 18.30 -4.70 -8.17
C VAL B 131 19.42 -5.68 -7.85
N PHE B 132 19.57 -6.01 -6.57
CA PHE B 132 20.61 -6.95 -6.14
C PHE B 132 19.95 -8.14 -5.46
N PRO B 133 20.60 -9.31 -5.48
CA PRO B 133 19.98 -10.47 -4.84
C PRO B 133 20.25 -10.52 -3.34
N LEU B 134 19.33 -11.18 -2.64
CA LEU B 134 19.45 -11.40 -1.20
C LEU B 134 19.54 -12.92 -1.15
N ALA B 135 20.72 -13.43 -1.47
CA ALA B 135 21.00 -14.87 -1.54
C ALA B 135 20.68 -15.70 -0.31
N PRO B 136 20.13 -16.90 -0.53
CA PRO B 136 19.78 -17.84 0.55
C PRO B 136 21.07 -18.44 1.12
N SER B 137 21.33 -18.20 2.39
CA SER B 137 22.53 -18.73 3.03
C SER B 137 22.07 -19.64 4.18
N SER B 138 23.01 -20.18 4.92
CA SER B 138 22.65 -21.01 6.06
C SER B 138 22.23 -20.03 7.14
N LYS B 139 22.57 -18.76 6.91
CA LYS B 139 22.26 -17.67 7.82
C LYS B 139 20.84 -17.16 7.58
N SER B 140 20.20 -17.68 6.54
CA SER B 140 18.83 -17.28 6.22
C SER B 140 17.99 -18.55 6.19
N THR B 141 18.44 -19.56 6.92
CA THR B 141 17.72 -20.82 6.98
C THR B 141 17.26 -21.16 8.39
N SER B 142 16.15 -21.88 8.48
CA SER B 142 15.56 -22.32 9.74
C SER B 142 14.61 -23.47 9.43
N GLY B 143 15.03 -24.68 9.75
CA GLY B 143 14.20 -25.83 9.49
C GLY B 143 13.94 -26.01 8.01
N GLY B 144 12.72 -26.40 7.67
CA GLY B 144 12.37 -26.60 6.27
C GLY B 144 12.15 -25.31 5.50
N THR B 145 12.38 -24.17 6.14
CA THR B 145 12.19 -22.89 5.46
C THR B 145 13.46 -22.06 5.32
N ALA B 146 13.59 -21.45 4.15
CA ALA B 146 14.74 -20.61 3.82
C ALA B 146 14.21 -19.24 3.37
N ALA B 147 14.96 -18.19 3.65
CA ALA B 147 14.55 -16.84 3.27
C ALA B 147 15.47 -16.29 2.19
N LEU B 148 14.89 -15.60 1.22
CA LEU B 148 15.67 -15.01 0.14
C LEU B 148 14.87 -13.84 -0.44
N GLY B 149 15.53 -12.94 -1.14
CA GLY B 149 14.79 -11.83 -1.70
C GLY B 149 15.57 -10.95 -2.62
N CYS B 150 15.00 -9.79 -2.93
CA CYS B 150 15.64 -8.83 -3.80
C CYS B 150 15.73 -7.48 -3.14
N LEU B 151 16.83 -6.81 -3.41
CA LEU B 151 17.09 -5.49 -2.88
C LEU B 151 16.93 -4.49 -4.02
N VAL B 152 15.90 -3.65 -3.93
CA VAL B 152 15.64 -2.62 -4.93
C VAL B 152 16.17 -1.28 -4.42
N LYS B 153 17.34 -0.88 -4.93
CA LYS B 153 17.98 0.34 -4.51
C LYS B 153 17.94 1.52 -5.47
N ASP B 154 18.07 2.72 -4.89
CA ASP B 154 18.12 4.01 -5.57
C ASP B 154 17.20 4.29 -6.76
N TYR B 155 15.91 4.43 -6.50
CA TYR B 155 14.95 4.73 -7.55
C TYR B 155 14.06 5.91 -7.12
N PHE B 156 13.54 6.65 -8.10
CA PHE B 156 12.67 7.79 -7.83
C PHE B 156 11.82 8.09 -9.06
N PRO B 157 10.55 8.43 -8.86
CA PRO B 157 9.88 8.53 -7.57
C PRO B 157 9.28 7.16 -7.26
N GLU B 158 8.20 7.13 -6.51
CA GLU B 158 7.57 5.85 -6.24
C GLU B 158 6.56 5.64 -7.37
N PRO B 159 6.04 4.41 -7.53
CA PRO B 159 6.37 3.24 -6.70
C PRO B 159 7.06 2.15 -7.51
N VAL B 160 7.45 1.09 -6.83
CA VAL B 160 8.07 -0.07 -7.48
C VAL B 160 7.20 -1.26 -7.11
N THR B 161 7.07 -2.20 -8.05
CA THR B 161 6.28 -3.38 -7.80
C THR B 161 7.22 -4.56 -7.92
N VAL B 162 7.05 -5.55 -7.07
CA VAL B 162 7.90 -6.72 -7.12
C VAL B 162 7.04 -7.97 -7.03
N SER B 163 7.28 -8.90 -7.95
CA SER B 163 6.56 -10.16 -7.96
C SER B 163 7.59 -11.27 -8.11
N TRP B 164 7.23 -12.47 -7.70
CA TRP B 164 8.16 -13.59 -7.81
C TRP B 164 7.67 -14.62 -8.81
N ASN B 165 8.61 -15.09 -9.62
CA ASN B 165 8.35 -16.09 -10.66
C ASN B 165 7.14 -15.72 -11.51
N SER B 166 7.17 -14.48 -11.97
CA SER B 166 6.13 -13.89 -12.81
C SER B 166 4.72 -14.05 -12.25
N GLY B 167 4.61 -13.97 -10.93
CA GLY B 167 3.31 -14.10 -10.29
C GLY B 167 2.98 -15.50 -9.86
N ALA B 168 3.81 -16.46 -10.23
CA ALA B 168 3.58 -17.85 -9.88
C ALA B 168 3.72 -18.06 -8.38
N LEU B 169 4.71 -17.41 -7.78
CA LEU B 169 4.98 -17.52 -6.35
C LEU B 169 4.32 -16.35 -5.66
N THR B 170 3.45 -16.64 -4.69
CA THR B 170 2.73 -15.57 -4.04
C THR B 170 2.71 -15.64 -2.51
N SER B 171 2.66 -16.84 -1.95
CA SER B 171 2.63 -17.01 -0.50
C SER B 171 4.00 -16.82 0.15
N GLY B 172 3.99 -16.26 1.35
CA GLY B 172 5.23 -16.03 2.07
C GLY B 172 6.10 -14.96 1.43
N VAL B 173 5.46 -13.96 0.83
CA VAL B 173 6.18 -12.88 0.18
C VAL B 173 5.92 -11.58 0.89
N HIS B 174 6.98 -10.87 1.25
CA HIS B 174 6.83 -9.59 1.93
C HIS B 174 7.66 -8.51 1.27
N THR B 175 6.97 -7.51 0.73
CA THR B 175 7.63 -6.39 0.10
C THR B 175 7.44 -5.20 1.02
N PHE B 176 8.53 -4.73 1.59
CA PHE B 176 8.47 -3.63 2.54
C PHE B 176 8.17 -2.27 1.97
N PRO B 177 7.70 -1.36 2.83
CA PRO B 177 7.41 0.01 2.38
C PRO B 177 8.75 0.63 2.03
N ALA B 178 8.78 1.38 0.93
CA ALA B 178 10.01 2.03 0.50
C ALA B 178 10.43 3.06 1.55
N VAL B 179 11.73 3.30 1.66
CA VAL B 179 12.24 4.29 2.59
C VAL B 179 13.11 5.25 1.82
N LEU B 180 12.96 6.54 2.08
CA LEU B 180 13.77 7.55 1.39
C LEU B 180 15.16 7.63 1.99
N GLN B 181 16.18 7.26 1.22
CA GLN B 181 17.57 7.30 1.69
C GLN B 181 18.03 8.75 1.76
N SER B 182 19.15 9.00 2.44
CA SER B 182 19.66 10.36 2.54
C SER B 182 19.95 10.95 1.16
N SER B 183 20.27 10.08 0.20
CA SER B 183 20.58 10.50 -1.16
C SER B 183 19.36 11.07 -1.90
N GLY B 184 18.21 11.04 -1.26
CA GLY B 184 17.00 11.53 -1.90
C GLY B 184 16.36 10.51 -2.82
N LEU B 185 16.83 9.26 -2.74
CA LEU B 185 16.32 8.17 -3.56
C LEU B 185 15.69 7.09 -2.67
N TYR B 186 14.66 6.41 -3.17
CA TYR B 186 14.01 5.38 -2.38
C TYR B 186 14.74 4.04 -2.43
N SER B 187 14.32 3.12 -1.58
CA SER B 187 14.93 1.81 -1.52
C SER B 187 13.99 0.89 -0.75
N LEU B 188 13.98 -0.39 -1.12
CA LEU B 188 13.11 -1.36 -0.47
C LEU B 188 13.62 -2.76 -0.76
N SER B 189 13.11 -3.74 -0.02
CA SER B 189 13.49 -5.12 -0.20
C SER B 189 12.24 -5.97 -0.30
N SER B 190 12.34 -7.06 -1.04
CA SER B 190 11.23 -7.97 -1.16
C SER B 190 11.80 -9.31 -0.74
N VAL B 191 11.13 -9.98 0.20
CA VAL B 191 11.60 -11.27 0.65
C VAL B 191 10.50 -12.32 0.53
N VAL B 192 10.93 -13.56 0.41
CA VAL B 192 10.00 -14.68 0.31
C VAL B 192 10.63 -15.87 1.00
N THR B 193 9.82 -16.59 1.76
CA THR B 193 10.30 -17.77 2.46
C THR B 193 9.82 -18.98 1.68
N VAL B 194 10.76 -19.84 1.29
CA VAL B 194 10.43 -21.02 0.51
C VAL B 194 11.08 -22.26 1.13
N PRO B 195 10.64 -23.46 0.71
CA PRO B 195 11.15 -24.75 1.19
C PRO B 195 12.64 -24.93 0.94
N SER B 196 13.39 -25.18 2.00
CA SER B 196 14.82 -25.36 1.91
C SER B 196 15.27 -26.44 0.93
N SER B 197 14.49 -27.51 0.84
CA SER B 197 14.84 -28.59 -0.08
C SER B 197 14.75 -28.14 -1.53
N SER B 198 13.78 -27.28 -1.83
CA SER B 198 13.59 -26.80 -3.21
C SER B 198 14.62 -25.76 -3.65
N LEU B 199 15.64 -25.52 -2.83
CA LEU B 199 16.67 -24.54 -3.18
C LEU B 199 17.62 -25.08 -4.24
N GLY B 200 17.76 -26.40 -4.30
CA GLY B 200 18.64 -26.99 -5.29
C GLY B 200 17.91 -27.19 -6.61
N THR B 201 16.61 -27.46 -6.52
CA THR B 201 15.78 -27.69 -7.70
C THR B 201 15.10 -26.45 -8.30
N GLN B 202 14.16 -25.89 -7.54
CA GLN B 202 13.38 -24.72 -7.98
C GLN B 202 14.17 -23.43 -8.23
N THR B 203 13.81 -22.74 -9.31
CA THR B 203 14.46 -21.48 -9.67
C THR B 203 13.65 -20.28 -9.14
N TYR B 204 14.33 -19.34 -8.50
CA TYR B 204 13.66 -18.18 -7.95
C TYR B 204 14.14 -16.87 -8.59
N ILE B 205 13.19 -16.12 -9.17
CA ILE B 205 13.53 -14.87 -9.81
C ILE B 205 12.57 -13.75 -9.42
N CYS B 206 13.09 -12.59 -9.04
CA CYS B 206 12.21 -11.49 -8.70
C CYS B 206 11.96 -10.61 -9.91
N ASN B 207 10.74 -10.11 -9.98
CA ASN B 207 10.29 -9.27 -11.08
C ASN B 207 10.08 -7.85 -10.57
N VAL B 208 11.04 -6.98 -10.85
CA VAL B 208 10.96 -5.61 -10.40
C VAL B 208 10.41 -4.69 -11.48
N ASN B 209 9.45 -3.85 -11.10
CA ASN B 209 8.87 -2.93 -12.05
C ASN B 209 8.76 -1.52 -11.47
N HIS B 210 9.26 -0.55 -12.23
CA HIS B 210 9.23 0.86 -11.84
C HIS B 210 8.63 1.59 -13.04
N LYS B 211 7.31 1.74 -13.01
CA LYS B 211 6.59 2.40 -14.10
C LYS B 211 7.19 3.76 -14.44
N PRO B 212 7.43 4.61 -13.42
CA PRO B 212 8.00 5.94 -13.65
C PRO B 212 9.15 6.03 -14.65
N SER B 213 10.14 5.15 -14.52
CA SER B 213 11.28 5.16 -15.44
C SER B 213 11.06 4.11 -16.52
N ASN B 214 9.89 3.50 -16.50
CA ASN B 214 9.53 2.48 -17.47
C ASN B 214 10.61 1.38 -17.50
N THR B 215 11.10 1.03 -16.32
CA THR B 215 12.15 0.02 -16.18
C THR B 215 11.63 -1.30 -15.62
N LYS B 216 12.22 -2.39 -16.12
CA LYS B 216 11.85 -3.74 -15.69
C LYS B 216 13.09 -4.64 -15.60
N VAL B 217 13.32 -5.16 -14.41
CA VAL B 217 14.45 -6.04 -14.17
C VAL B 217 13.91 -7.37 -13.68
N ASP B 218 14.64 -8.43 -13.99
CA ASP B 218 14.25 -9.76 -13.56
C ASP B 218 15.52 -10.38 -13.02
N LYS B 219 15.63 -10.48 -11.70
CA LYS B 219 16.84 -11.04 -11.11
C LYS B 219 16.74 -12.46 -10.54
N LYS B 220 17.68 -13.30 -10.96
CA LYS B 220 17.72 -14.67 -10.48
C LYS B 220 18.41 -14.63 -9.11
N VAL B 221 17.79 -15.24 -8.10
CA VAL B 221 18.34 -15.29 -6.75
C VAL B 221 18.74 -16.74 -6.44
N GLU B 222 20.05 -16.97 -6.29
CA GLU B 222 20.55 -18.30 -6.03
C GLU B 222 21.42 -18.40 -4.79
N PRO B 223 21.74 -19.63 -4.37
CA PRO B 223 22.58 -19.83 -3.18
C PRO B 223 24.03 -19.48 -3.48
#